data_1PGO
#
_entry.id   1PGO
#
_cell.length_a   72.740
_cell.length_b   148.400
_cell.length_c   102.350
_cell.angle_alpha   90.00
_cell.angle_beta   90.00
_cell.angle_gamma   90.00
#
_symmetry.space_group_name_H-M   'C 2 2 21'
#
loop_
_entity.id
_entity.type
_entity.pdbx_description
1 polymer '6-PHOSPHOGLUCONATE DEHYDROGENASE'
2 non-polymer 'SULFATE ION'
3 non-polymer 'NADPH DIHYDRO-NICOTINAMIDE-ADENINE-DINUCLEOTIDE PHOSPHATE'
4 water water
#
_entity_poly.entity_id   1
_entity_poly.type   'polypeptide(L)'
_entity_poly.pdbx_seq_one_letter_code
;AQADIALIGLAVMGQNLILNMNDHGFVVCAFNRTVSKVDDFLANEAKGTKVLGAHSLEEMVSKLKKPRRIILLVKAGQAV
DNFIEKLVPLLDIGDIIIDGGNSEYRDTMRRCRDLKDKGILFVGSGVSGGEDGARYGPSLMPGGNKEAWPHIKAIFQGIA
AKVGTGEPCCDWVGDDGAGHFVKMVHNGIEYGDMQLICEAYHLMKDVLGLGHKEMAKAFEEWNKTELDSFLIEITASILK
FQDADGKHLLPKIRDSAGQKGTGKWTAISALEYGVPVTLIGEAVFARCLSSLKDERIQASKKLKGPQNIPFEGDKKSFLE
DIRKALYASKIISYAQGFMLLRQAATEFGWTLNYGGIALMWRGGCIIRSVFLGKIKDAFDRNPGLQNLLLDDFFKSAVEN
CQDSWRRAISTGVQAGIPMPCFTTALSFYDGYRHAMLPANLIQAQRDYFGAHTYELLAKPGQFIHTNWTGHGGSVSSSSY
NA
;
_entity_poly.pdbx_strand_id   A
#
loop_
_chem_comp.id
_chem_comp.type
_chem_comp.name
_chem_comp.formula
NDP non-polymer 'NADPH DIHYDRO-NICOTINAMIDE-ADENINE-DINUCLEOTIDE PHOSPHATE' 'C21 H30 N7 O17 P3'
SO4 non-polymer 'SULFATE ION' 'O4 S -2'
#
# COMPACT_ATOMS: atom_id res chain seq x y z
N ALA A 1 -25.99 21.83 17.08
CA ALA A 1 -25.92 20.72 18.06
C ALA A 1 -27.12 19.86 17.67
N GLN A 2 -26.83 18.57 17.43
CA GLN A 2 -27.72 17.45 17.07
C GLN A 2 -26.82 16.45 16.35
N ALA A 3 -26.12 16.80 15.26
CA ALA A 3 -25.27 15.85 14.53
C ALA A 3 -23.88 15.73 15.17
N ASP A 4 -23.39 14.50 15.23
CA ASP A 4 -22.09 14.17 15.80
C ASP A 4 -20.89 14.52 14.90
N ILE A 5 -21.07 14.38 13.58
CA ILE A 5 -20.02 14.58 12.60
C ILE A 5 -20.65 14.90 11.24
N ALA A 6 -19.93 15.62 10.39
CA ALA A 6 -20.38 15.94 9.04
C ALA A 6 -19.50 15.21 8.04
N LEU A 7 -19.98 14.83 6.86
CA LEU A 7 -19.15 14.27 5.79
C LEU A 7 -19.58 15.01 4.56
N ILE A 8 -18.59 15.54 3.87
CA ILE A 8 -18.74 16.23 2.60
C ILE A 8 -18.14 15.31 1.53
N GLY A 9 -18.93 14.98 0.51
CA GLY A 9 -18.45 14.19 -0.61
C GLY A 9 -19.32 12.95 -0.76
N LEU A 10 -20.31 13.00 -1.65
CA LEU A 10 -21.31 11.95 -1.74
C LEU A 10 -21.21 10.95 -2.87
N ALA A 11 -19.99 10.60 -3.25
CA ALA A 11 -19.78 9.54 -4.21
C ALA A 11 -19.85 8.26 -3.34
N VAL A 12 -19.84 7.05 -3.94
CA VAL A 12 -20.06 5.78 -3.21
C VAL A 12 -19.27 5.62 -1.90
N MET A 13 -18.00 6.00 -1.91
CA MET A 13 -17.17 5.97 -0.72
C MET A 13 -17.77 6.84 0.40
N GLY A 14 -18.13 8.13 0.20
CA GLY A 14 -18.71 8.96 1.25
C GLY A 14 -20.04 8.43 1.79
N GLN A 15 -20.82 8.03 0.80
CA GLN A 15 -22.14 7.47 0.96
C GLN A 15 -22.10 6.35 2.01
N ASN A 16 -21.27 5.34 1.71
CA ASN A 16 -21.13 4.15 2.54
C ASN A 16 -20.51 4.40 3.89
N LEU A 17 -19.53 5.27 3.99
CA LEU A 17 -19.01 5.62 5.29
C LEU A 17 -20.07 6.25 6.20
N ILE A 18 -20.97 7.11 5.65
CA ILE A 18 -22.06 7.76 6.42
C ILE A 18 -23.05 6.69 6.91
N LEU A 19 -23.46 5.75 6.06
CA LEU A 19 -24.31 4.65 6.47
C LEU A 19 -23.61 3.84 7.57
N ASN A 20 -22.33 3.50 7.40
CA ASN A 20 -21.57 2.75 8.40
C ASN A 20 -21.60 3.47 9.74
N MET A 21 -21.45 4.76 9.66
CA MET A 21 -21.36 5.67 10.81
C MET A 21 -22.68 5.74 11.55
N ASN A 22 -23.73 5.82 10.75
CA ASN A 22 -25.11 5.86 11.21
C ASN A 22 -25.42 4.52 11.91
N ASP A 23 -25.10 3.36 11.33
CA ASP A 23 -25.31 2.04 11.95
C ASP A 23 -24.65 1.88 13.33
N HIS A 24 -23.60 2.62 13.62
CA HIS A 24 -22.96 2.58 14.92
C HIS A 24 -23.50 3.66 15.86
N GLY A 25 -24.66 4.18 15.49
CA GLY A 25 -25.38 5.11 16.31
C GLY A 25 -24.72 6.45 16.42
N PHE A 26 -24.46 7.02 15.24
CA PHE A 26 -23.92 8.37 15.14
C PHE A 26 -24.80 9.08 14.15
N VAL A 27 -25.23 10.26 14.53
CA VAL A 27 -26.05 11.11 13.68
C VAL A 27 -25.05 11.86 12.81
N VAL A 28 -25.22 11.76 11.50
CA VAL A 28 -24.27 12.35 10.57
C VAL A 28 -25.04 13.33 9.71
N CYS A 29 -24.43 14.47 9.42
CA CYS A 29 -25.03 15.46 8.55
C CYS A 29 -24.21 15.41 7.28
N ALA A 30 -24.91 15.15 6.19
CA ALA A 30 -24.33 15.03 4.87
C ALA A 30 -24.35 16.38 4.20
N PHE A 31 -23.47 16.54 3.21
CA PHE A 31 -23.39 17.73 2.38
C PHE A 31 -22.52 17.37 1.17
N ASN A 32 -22.62 18.05 0.04
CA ASN A 32 -21.85 17.74 -1.17
C ASN A 32 -21.89 19.01 -2.00
N ARG A 33 -21.00 19.27 -2.97
CA ARG A 33 -21.10 20.55 -3.66
C ARG A 33 -22.24 20.56 -4.66
N THR A 34 -22.56 19.42 -5.29
CA THR A 34 -23.75 19.37 -6.11
C THR A 34 -24.79 18.99 -5.06
N VAL A 35 -25.35 20.04 -4.51
CA VAL A 35 -26.26 19.92 -3.41
C VAL A 35 -27.43 18.98 -3.70
N SER A 36 -27.92 18.86 -4.94
CA SER A 36 -29.04 17.97 -5.29
C SER A 36 -28.81 16.52 -4.80
N LYS A 37 -27.53 16.16 -4.83
CA LYS A 37 -27.05 14.87 -4.37
C LYS A 37 -27.47 14.55 -2.95
N VAL A 38 -27.52 15.56 -2.09
CA VAL A 38 -27.93 15.41 -0.70
C VAL A 38 -29.36 14.90 -0.63
N ASP A 39 -30.24 15.43 -1.49
CA ASP A 39 -31.66 15.04 -1.49
C ASP A 39 -31.80 13.61 -1.95
N ASP A 40 -31.13 13.37 -3.05
CA ASP A 40 -31.17 12.08 -3.69
C ASP A 40 -30.79 10.98 -2.72
N PHE A 41 -29.71 11.20 -1.98
CA PHE A 41 -29.27 10.26 -0.96
C PHE A 41 -30.30 10.14 0.18
N LEU A 42 -30.81 11.26 0.68
CA LEU A 42 -31.78 11.24 1.77
C LEU A 42 -33.08 10.52 1.49
N ALA A 43 -33.54 10.60 0.25
CA ALA A 43 -34.77 9.93 -0.18
C ALA A 43 -34.52 8.48 -0.59
N ASN A 44 -33.28 8.16 -0.97
CA ASN A 44 -32.93 6.84 -1.44
C ASN A 44 -32.09 6.09 -0.42
N GLU A 45 -30.78 5.87 -0.57
CA GLU A 45 -29.97 5.08 0.36
C GLU A 45 -30.08 5.42 1.83
N ALA A 46 -30.16 6.70 2.18
CA ALA A 46 -30.25 7.05 3.59
C ALA A 46 -31.69 7.19 4.07
N LYS A 47 -32.71 6.88 3.29
CA LYS A 47 -34.08 7.01 3.79
C LYS A 47 -34.28 6.02 4.94
N GLY A 48 -34.86 6.61 5.97
CA GLY A 48 -35.21 5.87 7.17
C GLY A 48 -34.02 5.69 8.08
N THR A 49 -32.96 6.50 7.94
CA THR A 49 -31.85 6.41 8.88
C THR A 49 -31.91 7.64 9.76
N LYS A 50 -30.84 7.98 10.48
CA LYS A 50 -30.82 9.16 11.31
C LYS A 50 -29.97 10.27 10.67
N VAL A 51 -29.52 10.14 9.41
CA VAL A 51 -28.59 11.12 8.83
C VAL A 51 -29.35 12.36 8.36
N LEU A 52 -28.84 13.53 8.73
CA LEU A 52 -29.42 14.82 8.38
C LEU A 52 -28.71 15.29 7.12
N GLY A 53 -29.37 16.13 6.36
CA GLY A 53 -28.72 16.75 5.22
C GLY A 53 -28.61 18.24 5.50
N ALA A 54 -27.71 18.87 4.76
CA ALA A 54 -27.53 20.30 4.78
C ALA A 54 -27.49 20.69 3.30
N HIS A 55 -28.01 21.87 3.07
CA HIS A 55 -28.06 22.45 1.74
C HIS A 55 -27.16 23.67 1.62
N SER A 56 -26.49 24.00 2.70
CA SER A 56 -25.55 25.10 2.71
C SER A 56 -24.47 24.64 3.68
N LEU A 57 -23.26 25.04 3.31
CA LEU A 57 -22.09 24.77 4.12
C LEU A 57 -22.31 25.34 5.54
N GLU A 58 -22.99 26.48 5.58
CA GLU A 58 -23.29 27.21 6.80
C GLU A 58 -24.28 26.41 7.64
N GLU A 59 -25.36 25.85 7.07
CA GLU A 59 -26.24 25.09 7.95
C GLU A 59 -25.62 23.76 8.37
N MET A 60 -24.77 23.17 7.51
CA MET A 60 -24.02 21.98 7.91
C MET A 60 -23.22 22.30 9.20
N VAL A 61 -22.48 23.42 9.16
CA VAL A 61 -21.73 23.90 10.32
C VAL A 61 -22.66 24.10 11.53
N SER A 62 -23.89 24.58 11.29
CA SER A 62 -24.88 24.82 12.35
C SER A 62 -25.34 23.53 13.03
N LYS A 63 -25.50 22.43 12.29
CA LYS A 63 -26.00 21.15 12.83
C LYS A 63 -25.05 20.46 13.80
N LEU A 64 -23.77 20.75 13.70
CA LEU A 64 -22.74 20.03 14.46
C LEU A 64 -22.62 20.27 15.98
N LYS A 65 -22.40 19.20 16.73
CA LYS A 65 -22.14 19.30 18.18
C LYS A 65 -20.66 19.73 18.28
N LYS A 66 -20.32 20.64 19.19
CA LYS A 66 -18.96 21.12 19.35
C LYS A 66 -18.14 20.13 20.16
N PRO A 67 -16.85 19.83 19.88
CA PRO A 67 -16.02 20.38 18.79
C PRO A 67 -16.58 19.94 17.45
N ARG A 68 -16.91 20.84 16.54
CA ARG A 68 -17.44 20.44 15.23
C ARG A 68 -16.43 19.49 14.54
N ARG A 69 -16.90 18.34 14.04
CA ARG A 69 -16.05 17.33 13.42
C ARG A 69 -16.62 17.12 12.04
N ILE A 70 -15.86 17.43 10.99
CA ILE A 70 -16.33 17.28 9.63
C ILE A 70 -15.23 16.59 8.84
N ILE A 71 -15.66 15.71 7.94
CA ILE A 71 -14.81 14.86 7.13
C ILE A 71 -14.92 15.25 5.66
N LEU A 72 -13.81 15.35 4.93
CA LEU A 72 -13.78 15.67 3.52
C LEU A 72 -13.45 14.34 2.82
N LEU A 73 -14.33 13.88 1.95
CA LEU A 73 -14.14 12.67 1.17
C LEU A 73 -14.47 13.07 -0.27
N VAL A 74 -13.57 13.97 -0.61
CA VAL A 74 -13.55 14.73 -1.85
C VAL A 74 -12.28 14.37 -2.63
N LYS A 75 -12.31 14.58 -3.95
CA LYS A 75 -11.19 14.34 -4.87
C LYS A 75 -9.92 15.03 -4.33
N ALA A 76 -8.79 14.36 -4.16
CA ALA A 76 -7.58 14.97 -3.59
C ALA A 76 -7.01 16.04 -4.51
N GLY A 77 -6.36 17.05 -3.95
CA GLY A 77 -5.80 18.15 -4.70
C GLY A 77 -6.40 19.49 -4.32
N GLN A 78 -6.68 20.28 -5.33
CA GLN A 78 -7.29 21.59 -5.16
C GLN A 78 -8.58 21.57 -4.33
N ALA A 79 -9.46 20.65 -4.66
CA ALA A 79 -10.78 20.50 -4.05
C ALA A 79 -10.78 20.59 -2.52
N VAL A 80 -9.88 19.83 -1.92
CA VAL A 80 -9.74 19.78 -0.48
C VAL A 80 -9.37 21.17 0.05
N ASP A 81 -8.45 21.84 -0.62
CA ASP A 81 -8.04 23.20 -0.21
C ASP A 81 -9.17 24.22 -0.28
N ASN A 82 -9.98 24.11 -1.33
CA ASN A 82 -11.09 25.05 -1.52
C ASN A 82 -12.01 24.95 -0.32
N PHE A 83 -12.32 23.69 0.02
CA PHE A 83 -13.20 23.47 1.14
C PHE A 83 -12.66 23.98 2.44
N ILE A 84 -11.36 23.80 2.66
CA ILE A 84 -10.74 24.31 3.88
C ILE A 84 -10.91 25.82 3.95
N GLU A 85 -10.64 26.53 2.84
CA GLU A 85 -10.76 27.98 2.80
C GLU A 85 -12.16 28.38 3.23
N LYS A 86 -13.16 27.77 2.63
CA LYS A 86 -14.54 28.08 2.97
C LYS A 86 -14.92 27.69 4.39
N LEU A 87 -14.38 26.59 4.89
CA LEU A 87 -14.72 26.12 6.22
C LEU A 87 -14.16 26.98 7.33
N VAL A 88 -12.93 27.47 7.18
CA VAL A 88 -12.25 28.11 8.30
C VAL A 88 -12.95 29.36 8.86
N PRO A 89 -13.40 30.37 8.11
CA PRO A 89 -14.29 31.41 8.64
C PRO A 89 -15.53 30.97 9.45
N LEU A 90 -16.07 29.78 9.23
CA LEU A 90 -17.28 29.41 9.94
C LEU A 90 -16.89 28.70 11.22
N LEU A 91 -15.76 28.03 11.25
CA LEU A 91 -15.42 27.27 12.45
C LEU A 91 -14.81 28.08 13.58
N ASP A 92 -15.04 27.51 14.74
CA ASP A 92 -14.47 27.96 16.01
C ASP A 92 -13.15 27.26 16.21
N ILE A 93 -12.29 27.95 16.96
CA ILE A 93 -11.01 27.45 17.45
C ILE A 93 -11.31 26.15 18.20
N GLY A 94 -10.60 25.07 17.88
CA GLY A 94 -10.82 23.80 18.53
C GLY A 94 -11.63 22.85 17.68
N ASP A 95 -12.15 23.30 16.54
CA ASP A 95 -12.89 22.41 15.65
C ASP A 95 -11.94 21.50 14.85
N ILE A 96 -12.49 20.43 14.26
CA ILE A 96 -11.75 19.36 13.60
C ILE A 96 -12.15 19.12 12.14
N ILE A 97 -11.20 19.15 11.22
CA ILE A 97 -11.47 18.75 9.82
C ILE A 97 -10.66 17.48 9.59
N ILE A 98 -11.27 16.47 9.01
CA ILE A 98 -10.53 15.28 8.69
C ILE A 98 -10.50 15.25 7.16
N ASP A 99 -9.36 15.05 6.52
CA ASP A 99 -9.33 14.78 5.08
C ASP A 99 -8.99 13.30 4.93
N GLY A 100 -10.02 12.63 4.42
CA GLY A 100 -10.01 11.20 4.14
C GLY A 100 -9.66 10.83 2.71
N GLY A 101 -9.57 11.82 1.83
CA GLY A 101 -9.13 11.59 0.46
C GLY A 101 -7.71 11.05 0.41
N ASN A 102 -7.34 10.44 -0.70
CA ASN A 102 -5.98 9.93 -0.91
C ASN A 102 -5.01 11.08 -1.21
N SER A 103 -4.69 11.87 -0.20
CA SER A 103 -3.83 13.01 -0.37
C SER A 103 -2.33 12.75 -0.20
N GLU A 104 -1.61 13.68 -0.82
CA GLU A 104 -0.17 13.80 -0.83
C GLU A 104 0.25 14.02 0.62
N TYR A 105 1.18 13.24 1.17
CA TYR A 105 1.56 13.42 2.56
C TYR A 105 2.08 14.84 2.83
N ARG A 106 2.72 15.44 1.83
CA ARG A 106 3.22 16.80 1.96
C ARG A 106 2.11 17.81 2.04
N ASP A 107 1.03 17.62 1.29
CA ASP A 107 -0.08 18.57 1.30
C ASP A 107 -0.72 18.51 2.68
N THR A 108 -0.79 17.30 3.20
CA THR A 108 -1.31 17.10 4.55
C THR A 108 -0.47 17.85 5.59
N MET A 109 0.87 17.72 5.58
CA MET A 109 1.76 18.39 6.54
C MET A 109 1.54 19.90 6.56
N ARG A 110 1.52 20.47 5.36
CA ARG A 110 1.30 21.89 5.11
C ARG A 110 -0.02 22.31 5.77
N ARG A 111 -1.09 21.65 5.36
CA ARG A 111 -2.41 21.93 5.90
C ARG A 111 -2.47 21.76 7.41
N CYS A 112 -1.82 20.74 7.94
CA CYS A 112 -1.86 20.50 9.37
C CYS A 112 -1.23 21.67 10.12
N ARG A 113 -0.08 22.12 9.63
CA ARG A 113 0.70 23.21 10.23
C ARG A 113 -0.09 24.52 10.19
N ASP A 114 -0.54 24.81 8.98
CA ASP A 114 -1.31 25.98 8.64
C ASP A 114 -2.56 26.16 9.52
N LEU A 115 -3.27 25.07 9.74
CA LEU A 115 -4.48 25.12 10.54
C LEU A 115 -4.19 25.23 12.03
N LYS A 116 -3.05 24.69 12.51
CA LYS A 116 -2.62 24.79 13.92
C LYS A 116 -2.65 26.23 14.41
N ASP A 117 -2.03 27.16 13.67
CA ASP A 117 -2.00 28.52 14.16
C ASP A 117 -3.36 29.19 14.08
N LYS A 118 -4.29 28.72 13.25
CA LYS A 118 -5.64 29.29 13.27
C LYS A 118 -6.51 28.53 14.29
N GLY A 119 -5.90 27.70 15.14
CA GLY A 119 -6.60 26.99 16.18
C GLY A 119 -7.49 25.87 15.71
N ILE A 120 -7.47 25.49 14.43
CA ILE A 120 -8.30 24.39 13.94
C ILE A 120 -7.45 23.10 13.88
N LEU A 121 -7.90 22.03 14.55
CA LEU A 121 -7.19 20.74 14.57
C LEU A 121 -7.50 19.99 13.27
N PHE A 122 -6.45 19.66 12.52
CA PHE A 122 -6.58 18.97 11.24
C PHE A 122 -6.11 17.52 11.35
N VAL A 123 -6.80 16.56 10.76
CA VAL A 123 -6.27 15.22 10.73
C VAL A 123 -6.46 14.73 9.31
N GLY A 124 -5.41 14.12 8.79
CA GLY A 124 -5.42 13.52 7.48
C GLY A 124 -5.50 12.04 7.71
N SER A 125 -6.49 11.37 7.17
CA SER A 125 -6.60 9.95 7.43
C SER A 125 -6.59 9.18 6.12
N GLY A 126 -5.96 8.02 6.17
CA GLY A 126 -5.97 7.13 5.05
C GLY A 126 -7.20 6.27 5.26
N VAL A 127 -7.97 6.01 4.21
CA VAL A 127 -9.12 5.10 4.29
C VAL A 127 -8.88 4.02 3.21
N SER A 128 -9.02 2.76 3.59
CA SER A 128 -8.84 1.68 2.65
C SER A 128 -9.97 0.67 2.79
N GLY A 129 -10.15 -0.13 1.76
CA GLY A 129 -11.17 -1.16 1.77
C GLY A 129 -12.13 -1.11 0.60
N GLY A 130 -12.30 0.06 -0.01
CA GLY A 130 -13.22 0.20 -1.14
C GLY A 130 -14.63 0.41 -0.62
N GLU A 131 -15.65 0.25 -1.47
CA GLU A 131 -17.07 0.45 -1.12
C GLU A 131 -17.51 -0.45 0.02
N ASP A 132 -17.12 -1.70 -0.10
CA ASP A 132 -17.47 -2.76 0.84
C ASP A 132 -16.95 -2.39 2.20
N GLY A 133 -15.64 -2.13 2.26
CA GLY A 133 -14.97 -1.71 3.46
C GLY A 133 -15.62 -0.45 4.04
N ALA A 134 -15.83 0.57 3.21
CA ALA A 134 -16.49 1.82 3.59
C ALA A 134 -17.80 1.52 4.30
N ARG A 135 -18.54 0.55 3.77
CA ARG A 135 -19.85 0.23 4.31
C ARG A 135 -19.83 -0.49 5.64
N TYR A 136 -19.09 -1.60 5.76
CA TYR A 136 -19.13 -2.36 7.02
C TYR A 136 -17.94 -2.19 7.96
N GLY A 137 -16.76 -1.83 7.49
CA GLY A 137 -15.63 -1.68 8.38
C GLY A 137 -14.42 -1.41 7.54
N PRO A 138 -14.10 -0.14 7.27
CA PRO A 138 -12.90 0.22 6.52
C PRO A 138 -11.64 0.07 7.39
N SER A 139 -10.46 0.12 6.82
CA SER A 139 -9.23 0.25 7.60
C SER A 139 -9.04 1.77 7.57
N LEU A 140 -8.71 2.35 8.71
CA LEU A 140 -8.59 3.80 8.84
C LEU A 140 -7.23 4.10 9.45
N MET A 141 -6.53 5.11 8.93
CA MET A 141 -5.16 5.45 9.33
C MET A 141 -5.00 6.94 9.67
N PRO A 142 -5.50 7.47 10.81
CA PRO A 142 -5.53 8.92 11.07
C PRO A 142 -4.20 9.50 11.55
N GLY A 143 -3.84 10.63 11.02
CA GLY A 143 -2.64 11.30 11.49
C GLY A 143 -2.89 12.79 11.43
N GLY A 144 -1.96 13.59 11.87
CA GLY A 144 -2.15 15.03 11.84
C GLY A 144 -1.86 15.59 13.20
N ASN A 145 -2.80 16.40 13.66
CA ASN A 145 -2.74 17.10 14.93
C ASN A 145 -3.28 16.20 16.03
N LYS A 146 -2.47 15.54 16.87
CA LYS A 146 -2.94 14.61 17.91
C LYS A 146 -4.05 15.15 18.82
N GLU A 147 -4.25 16.46 19.02
CA GLU A 147 -5.37 16.93 19.85
C GLU A 147 -6.77 16.57 19.40
N ALA A 148 -6.95 16.30 18.10
CA ALA A 148 -8.22 15.90 17.53
C ALA A 148 -8.61 14.47 17.93
N TRP A 149 -7.62 13.60 18.13
CA TRP A 149 -7.82 12.17 18.35
C TRP A 149 -8.89 11.81 19.38
N PRO A 150 -8.90 12.30 20.66
CA PRO A 150 -9.91 11.92 21.66
C PRO A 150 -11.32 12.30 21.23
N HIS A 151 -11.43 13.33 20.40
CA HIS A 151 -12.72 13.78 19.90
C HIS A 151 -13.23 12.89 18.77
N ILE A 152 -12.37 12.14 18.07
CA ILE A 152 -12.86 11.31 16.97
C ILE A 152 -12.66 9.80 17.17
N LYS A 153 -11.87 9.43 18.18
CA LYS A 153 -11.49 8.05 18.51
C LYS A 153 -12.64 7.01 18.48
N ALA A 154 -13.73 7.41 19.13
CA ALA A 154 -14.95 6.60 19.25
C ALA A 154 -15.60 6.32 17.89
N ILE A 155 -15.64 7.33 17.03
CA ILE A 155 -16.29 7.14 15.75
C ILE A 155 -15.41 6.28 14.85
N PHE A 156 -14.15 6.68 14.72
CA PHE A 156 -13.24 6.01 13.78
C PHE A 156 -13.05 4.57 14.18
N GLN A 157 -12.75 4.33 15.46
CA GLN A 157 -12.58 2.95 15.89
C GLN A 157 -13.88 2.17 15.91
N GLY A 158 -15.02 2.86 16.03
CA GLY A 158 -16.30 2.20 16.04
C GLY A 158 -16.68 1.68 14.68
N ILE A 159 -16.44 2.47 13.63
CA ILE A 159 -16.79 2.04 12.29
C ILE A 159 -15.68 1.22 11.66
N ALA A 160 -14.48 1.22 12.24
CA ALA A 160 -13.35 0.48 11.70
C ALA A 160 -13.65 -0.99 11.74
N ALA A 161 -12.95 -1.66 10.84
CA ALA A 161 -13.00 -3.10 10.75
C ALA A 161 -12.46 -3.64 12.07
N LYS A 162 -12.83 -4.86 12.48
CA LYS A 162 -12.33 -5.52 13.69
C LYS A 162 -11.65 -6.85 13.37
N VAL A 163 -10.49 -7.01 13.97
CA VAL A 163 -9.71 -8.24 13.85
C VAL A 163 -10.33 -9.25 14.83
N GLY A 164 -10.23 -10.57 14.62
CA GLY A 164 -10.80 -11.65 15.44
C GLY A 164 -10.86 -11.47 16.96
N THR A 165 -9.88 -10.80 17.57
CA THR A 165 -9.94 -10.51 19.00
C THR A 165 -10.63 -9.19 19.31
N GLY A 166 -11.41 -8.70 18.35
CA GLY A 166 -12.15 -7.46 18.45
C GLY A 166 -11.32 -6.18 18.46
N GLU A 167 -10.00 -6.12 18.24
CA GLU A 167 -9.36 -4.79 18.18
C GLU A 167 -9.72 -4.15 16.83
N PRO A 168 -10.00 -2.82 16.80
CA PRO A 168 -10.17 -2.04 15.56
C PRO A 168 -8.95 -1.94 14.65
N CYS A 169 -9.16 -1.91 13.34
CA CYS A 169 -8.09 -1.69 12.37
C CYS A 169 -8.05 -0.17 12.12
N CYS A 170 -7.71 0.52 13.20
CA CYS A 170 -7.62 1.97 13.24
C CYS A 170 -7.04 2.37 14.59
N ASP A 171 -5.98 3.15 14.56
CA ASP A 171 -5.42 3.80 15.74
C ASP A 171 -4.64 5.02 15.27
N TRP A 172 -4.28 5.94 16.17
CA TRP A 172 -3.52 7.13 15.81
C TRP A 172 -2.19 6.75 15.19
N VAL A 173 -1.89 7.25 13.99
CA VAL A 173 -0.63 6.94 13.32
C VAL A 173 0.47 7.90 13.80
N GLY A 174 0.26 9.21 13.77
CA GLY A 174 1.31 10.12 14.15
C GLY A 174 0.96 11.49 13.69
N ASP A 175 2.00 12.31 13.72
CA ASP A 175 1.89 13.70 13.36
C ASP A 175 1.66 13.96 11.89
N ASP A 176 1.21 15.18 11.58
CA ASP A 176 0.92 15.69 10.24
C ASP A 176 0.68 14.65 9.14
N GLY A 177 1.55 14.49 8.12
CA GLY A 177 1.37 13.56 7.03
C GLY A 177 1.45 12.07 7.38
N ALA A 178 1.79 11.61 8.59
CA ALA A 178 1.90 10.17 8.91
C ALA A 178 0.81 9.20 8.40
N GLY A 179 -0.45 9.53 8.68
CA GLY A 179 -1.57 8.72 8.25
C GLY A 179 -1.65 8.61 6.75
N HIS A 180 -1.40 9.74 6.10
CA HIS A 180 -1.43 9.79 4.64
C HIS A 180 -0.19 9.14 4.03
N PHE A 181 0.96 9.12 4.75
CA PHE A 181 2.18 8.48 4.27
C PHE A 181 1.98 6.97 4.45
N VAL A 182 1.35 6.54 5.54
CA VAL A 182 1.09 5.12 5.77
C VAL A 182 0.12 4.59 4.69
N LYS A 183 -0.92 5.40 4.39
CA LYS A 183 -1.89 5.03 3.37
C LYS A 183 -1.17 4.77 2.05
N MET A 184 -0.29 5.68 1.63
CA MET A 184 0.35 5.45 0.34
C MET A 184 1.35 4.29 0.42
N VAL A 185 2.03 4.03 1.53
CA VAL A 185 2.95 2.90 1.54
C VAL A 185 2.12 1.62 1.40
N HIS A 186 0.95 1.59 2.02
CA HIS A 186 0.00 0.49 1.87
C HIS A 186 -0.26 0.19 0.39
N ASN A 187 -0.47 1.25 -0.41
CA ASN A 187 -0.78 1.09 -1.82
C ASN A 187 0.46 0.60 -2.56
N GLY A 188 1.64 1.10 -2.17
CA GLY A 188 2.86 0.65 -2.78
C GLY A 188 2.90 -0.87 -2.63
N ILE A 189 2.70 -1.29 -1.39
CA ILE A 189 2.77 -2.70 -1.05
C ILE A 189 1.69 -3.43 -1.82
N GLU A 190 0.53 -2.80 -1.99
CA GLU A 190 -0.56 -3.42 -2.71
C GLU A 190 -0.11 -3.70 -4.15
N TYR A 191 0.50 -2.71 -4.83
CA TYR A 191 1.00 -2.88 -6.18
C TYR A 191 1.92 -4.11 -6.21
N GLY A 192 2.84 -4.15 -5.22
CA GLY A 192 3.81 -5.23 -5.11
C GLY A 192 3.19 -6.63 -5.11
N ASP A 193 2.16 -6.78 -4.26
CA ASP A 193 1.51 -8.07 -4.08
C ASP A 193 0.82 -8.59 -5.33
N MET A 194 0.23 -7.63 -6.01
CA MET A 194 -0.44 -7.91 -7.28
C MET A 194 0.54 -8.37 -8.34
N GLN A 195 1.70 -7.71 -8.45
CA GLN A 195 2.65 -8.11 -9.49
C GLN A 195 3.22 -9.49 -9.22
N LEU A 196 3.50 -9.76 -7.95
CA LEU A 196 3.94 -11.07 -7.52
C LEU A 196 2.90 -12.12 -7.92
N ILE A 197 1.61 -11.86 -7.68
CA ILE A 197 0.56 -12.82 -8.03
C ILE A 197 0.59 -13.03 -9.54
N CYS A 198 0.71 -11.96 -10.33
CA CYS A 198 0.79 -12.08 -11.79
C CYS A 198 1.94 -12.93 -12.24
N GLU A 199 3.09 -12.82 -11.61
CA GLU A 199 4.25 -13.59 -11.99
C GLU A 199 4.07 -15.10 -11.82
N ALA A 200 3.44 -15.44 -10.70
CA ALA A 200 3.14 -16.82 -10.35
C ALA A 200 2.17 -17.32 -11.41
N TYR A 201 1.18 -16.48 -11.72
CA TYR A 201 0.19 -16.81 -12.75
C TYR A 201 0.89 -17.08 -14.08
N HIS A 202 1.79 -16.19 -14.46
CA HIS A 202 2.49 -16.33 -15.71
C HIS A 202 3.31 -17.60 -15.80
N LEU A 203 3.98 -18.04 -14.74
CA LEU A 203 4.79 -19.25 -14.78
C LEU A 203 3.92 -20.48 -14.85
N MET A 204 2.79 -20.53 -14.13
CA MET A 204 1.99 -21.74 -14.20
C MET A 204 1.27 -21.78 -15.52
N LYS A 205 0.89 -20.63 -16.06
CA LYS A 205 0.30 -20.56 -17.38
C LYS A 205 1.28 -20.97 -18.47
N ASP A 206 2.47 -20.37 -18.58
CA ASP A 206 3.36 -20.72 -19.69
C ASP A 206 4.31 -21.87 -19.42
N VAL A 207 4.89 -22.02 -18.25
CA VAL A 207 5.87 -23.08 -18.05
C VAL A 207 5.10 -24.36 -17.81
N LEU A 208 4.09 -24.32 -16.96
CA LEU A 208 3.28 -25.49 -16.65
C LEU A 208 2.08 -25.72 -17.59
N GLY A 209 1.66 -24.77 -18.43
CA GLY A 209 0.59 -25.06 -19.38
C GLY A 209 -0.74 -25.42 -18.73
N LEU A 210 -0.98 -24.85 -17.56
CA LEU A 210 -2.21 -25.05 -16.83
C LEU A 210 -3.33 -24.21 -17.44
N GLY A 211 -4.51 -24.78 -17.44
CA GLY A 211 -5.70 -24.04 -17.84
C GLY A 211 -6.20 -23.20 -16.68
N HIS A 212 -7.06 -22.21 -16.90
CA HIS A 212 -7.50 -21.28 -15.86
C HIS A 212 -8.25 -21.98 -14.76
N LYS A 213 -8.89 -23.08 -15.11
CA LYS A 213 -9.61 -23.93 -14.16
C LYS A 213 -8.61 -24.47 -13.13
N GLU A 214 -7.53 -25.15 -13.55
CA GLU A 214 -6.57 -25.68 -12.57
C GLU A 214 -5.90 -24.53 -11.85
N MET A 215 -5.54 -23.45 -12.55
CA MET A 215 -4.86 -22.34 -11.90
C MET A 215 -5.72 -21.78 -10.79
N ALA A 216 -7.03 -21.68 -10.95
CA ALA A 216 -7.89 -21.19 -9.86
C ALA A 216 -7.83 -22.11 -8.63
N LYS A 217 -7.81 -23.43 -8.88
CA LYS A 217 -7.74 -24.46 -7.86
C LYS A 217 -6.44 -24.32 -7.07
N ALA A 218 -5.32 -24.16 -7.77
CA ALA A 218 -4.00 -24.02 -7.16
C ALA A 218 -4.00 -22.76 -6.29
N PHE A 219 -4.53 -21.63 -6.76
CA PHE A 219 -4.61 -20.44 -5.92
C PHE A 219 -5.47 -20.69 -4.68
N GLU A 220 -6.58 -21.38 -4.86
CA GLU A 220 -7.49 -21.74 -3.78
C GLU A 220 -6.81 -22.65 -2.74
N GLU A 221 -5.93 -23.54 -3.18
CA GLU A 221 -5.11 -24.37 -2.29
C GLU A 221 -4.13 -23.50 -1.50
N TRP A 222 -3.53 -22.56 -2.21
CA TRP A 222 -2.59 -21.61 -1.65
C TRP A 222 -3.21 -20.69 -0.64
N ASN A 223 -4.48 -20.36 -0.81
CA ASN A 223 -5.16 -19.51 0.15
C ASN A 223 -5.41 -20.26 1.46
N LYS A 224 -5.21 -21.57 1.52
CA LYS A 224 -5.31 -22.30 2.78
C LYS A 224 -3.97 -22.40 3.50
N THR A 225 -2.88 -21.93 2.89
CA THR A 225 -1.56 -22.02 3.49
C THR A 225 -1.25 -20.63 4.07
N GLU A 226 0.02 -20.35 4.32
CA GLU A 226 0.50 -19.06 4.80
C GLU A 226 0.05 -17.93 3.88
N LEU A 227 -0.14 -18.24 2.60
CA LEU A 227 -0.51 -17.20 1.66
C LEU A 227 -1.94 -16.72 1.87
N ASP A 228 -2.73 -17.25 2.82
CA ASP A 228 -4.08 -16.82 3.11
C ASP A 228 -4.26 -15.28 3.09
N SER A 229 -4.92 -14.75 2.07
CA SER A 229 -5.10 -13.31 1.91
C SER A 229 -6.29 -13.06 1.01
N PHE A 230 -6.74 -11.83 1.08
CA PHE A 230 -7.85 -11.37 0.29
C PHE A 230 -7.44 -11.47 -1.19
N LEU A 231 -6.27 -10.97 -1.55
CA LEU A 231 -5.82 -10.96 -2.94
C LEU A 231 -5.68 -12.31 -3.61
N ILE A 232 -5.07 -13.31 -2.97
CA ILE A 232 -5.03 -14.67 -3.49
C ILE A 232 -6.49 -15.20 -3.62
N GLU A 233 -7.36 -14.93 -2.64
CA GLU A 233 -8.75 -15.34 -2.72
C GLU A 233 -9.47 -14.72 -3.93
N ILE A 234 -9.38 -13.42 -4.18
CA ILE A 234 -10.11 -12.87 -5.32
C ILE A 234 -9.47 -13.34 -6.62
N THR A 235 -8.16 -13.53 -6.65
CA THR A 235 -7.50 -14.06 -7.84
C THR A 235 -8.07 -15.43 -8.21
N ALA A 236 -8.34 -16.34 -7.26
CA ALA A 236 -8.95 -17.65 -7.56
C ALA A 236 -10.34 -17.45 -8.19
N SER A 237 -11.13 -16.52 -7.65
CA SER A 237 -12.43 -16.15 -8.24
C SER A 237 -12.28 -15.65 -9.67
N ILE A 238 -11.37 -14.71 -9.95
CA ILE A 238 -11.17 -14.12 -11.27
C ILE A 238 -10.80 -15.17 -12.33
N LEU A 239 -9.96 -16.11 -11.97
CA LEU A 239 -9.54 -17.15 -12.87
C LEU A 239 -10.70 -18.07 -13.20
N LYS A 240 -11.64 -18.28 -12.27
CA LYS A 240 -12.80 -19.13 -12.52
C LYS A 240 -13.93 -18.47 -13.29
N PHE A 241 -14.03 -17.15 -13.23
CA PHE A 241 -15.14 -16.42 -13.80
C PHE A 241 -15.30 -16.65 -15.29
N GLN A 242 -16.55 -16.86 -15.69
CA GLN A 242 -16.87 -17.17 -17.08
C GLN A 242 -17.80 -16.08 -17.49
N ASP A 243 -17.57 -15.71 -18.71
CA ASP A 243 -18.35 -14.68 -19.33
C ASP A 243 -19.69 -15.26 -19.79
N ALA A 244 -20.59 -14.38 -20.24
CA ALA A 244 -21.92 -14.72 -20.79
C ALA A 244 -21.86 -15.92 -21.74
N ASP A 245 -20.91 -15.84 -22.66
CA ASP A 245 -20.64 -16.86 -23.66
C ASP A 245 -20.09 -18.17 -23.14
N GLY A 246 -20.00 -18.38 -21.84
CA GLY A 246 -19.43 -19.60 -21.32
C GLY A 246 -17.90 -19.62 -21.21
N LYS A 247 -17.11 -18.87 -21.97
CA LYS A 247 -15.63 -18.95 -21.81
C LYS A 247 -15.09 -17.97 -20.75
N HIS A 248 -13.89 -18.24 -20.26
CA HIS A 248 -13.27 -17.45 -19.21
C HIS A 248 -13.09 -16.01 -19.65
N LEU A 249 -13.43 -15.11 -18.75
CA LEU A 249 -13.35 -13.69 -19.02
C LEU A 249 -11.92 -13.16 -18.99
N LEU A 250 -11.04 -13.63 -18.08
CA LEU A 250 -9.72 -13.02 -17.88
C LEU A 250 -8.91 -12.96 -19.18
N PRO A 251 -8.75 -14.06 -19.99
CA PRO A 251 -8.07 -13.99 -21.30
C PRO A 251 -8.58 -12.93 -22.30
N LYS A 252 -9.77 -12.37 -22.11
CA LYS A 252 -10.33 -11.32 -22.98
C LYS A 252 -9.85 -9.93 -22.59
N ILE A 253 -9.33 -9.73 -21.40
CA ILE A 253 -8.97 -8.40 -20.93
C ILE A 253 -7.61 -7.91 -21.42
N ARG A 254 -7.60 -6.65 -21.81
CA ARG A 254 -6.44 -5.98 -22.31
C ARG A 254 -5.46 -5.73 -21.16
N ASP A 255 -4.24 -6.17 -21.43
CA ASP A 255 -3.12 -6.06 -20.50
C ASP A 255 -2.38 -4.72 -20.41
N SER A 256 -3.06 -3.60 -20.23
CA SER A 256 -2.43 -2.33 -19.89
C SER A 256 -2.96 -2.04 -18.50
N ALA A 257 -2.11 -2.04 -17.49
CA ALA A 257 -2.54 -1.83 -16.11
C ALA A 257 -2.56 -0.35 -15.85
N GLY A 258 -3.69 0.20 -15.41
CA GLY A 258 -3.70 1.61 -15.07
C GLY A 258 -3.11 1.82 -13.69
N GLN A 259 -3.01 3.07 -13.28
CA GLN A 259 -2.55 3.39 -11.95
C GLN A 259 -3.00 4.80 -11.62
N LYS A 260 -3.68 4.99 -10.49
CA LYS A 260 -4.09 6.32 -10.07
C LYS A 260 -2.99 7.12 -9.34
N GLY A 261 -1.73 6.67 -9.30
CA GLY A 261 -0.64 7.51 -8.81
C GLY A 261 -0.04 7.17 -7.46
N THR A 262 -0.79 6.69 -6.49
CA THR A 262 -0.22 6.41 -5.18
C THR A 262 0.99 5.49 -5.15
N GLY A 263 1.01 4.42 -5.96
CA GLY A 263 2.12 3.48 -5.99
C GLY A 263 3.39 4.19 -6.43
N LYS A 264 3.20 5.06 -7.41
CA LYS A 264 4.26 5.90 -7.96
C LYS A 264 4.94 6.63 -6.80
N TRP A 265 4.17 7.27 -5.92
CA TRP A 265 4.74 8.04 -4.83
C TRP A 265 5.57 7.25 -3.84
N THR A 266 5.21 6.02 -3.55
CA THR A 266 5.95 5.21 -2.60
C THR A 266 7.38 5.08 -3.13
N ALA A 267 7.48 4.67 -4.40
CA ALA A 267 8.78 4.42 -5.01
C ALA A 267 9.52 5.76 -5.13
N ILE A 268 8.87 6.88 -5.47
CA ILE A 268 9.57 8.16 -5.56
C ILE A 268 10.07 8.50 -4.14
N SER A 269 9.31 8.27 -3.08
CA SER A 269 9.74 8.59 -1.71
C SER A 269 10.97 7.82 -1.32
N ALA A 270 11.00 6.53 -1.69
CA ALA A 270 12.13 5.67 -1.37
C ALA A 270 13.39 6.21 -2.04
N LEU A 271 13.23 6.67 -3.28
CA LEU A 271 14.35 7.22 -4.02
C LEU A 271 14.79 8.51 -3.32
N GLU A 272 13.88 9.43 -3.01
CA GLU A 272 14.26 10.65 -2.32
C GLU A 272 14.99 10.40 -1.01
N TYR A 273 14.49 9.49 -0.17
CA TYR A 273 15.09 9.23 1.13
C TYR A 273 16.07 8.06 1.20
N GLY A 274 16.55 7.52 0.07
CA GLY A 274 17.59 6.49 0.00
C GLY A 274 17.31 5.08 0.56
N VAL A 275 16.11 4.54 0.33
CA VAL A 275 15.69 3.26 0.87
C VAL A 275 15.52 2.33 -0.30
N PRO A 276 16.15 1.16 -0.28
CA PRO A 276 16.07 0.21 -1.38
C PRO A 276 14.71 -0.49 -1.52
N VAL A 277 13.60 0.20 -1.75
CA VAL A 277 12.29 -0.47 -1.91
C VAL A 277 12.18 -0.86 -3.37
N THR A 278 12.91 -1.92 -3.69
CA THR A 278 13.06 -2.35 -5.08
C THR A 278 11.86 -3.10 -5.61
N LEU A 279 11.14 -3.81 -4.76
CA LEU A 279 10.06 -4.58 -5.34
C LEU A 279 8.93 -3.66 -5.76
N ILE A 280 8.57 -2.67 -4.96
CA ILE A 280 7.50 -1.76 -5.37
C ILE A 280 7.92 -0.96 -6.61
N GLY A 281 9.21 -0.63 -6.71
CA GLY A 281 9.74 0.03 -7.90
C GLY A 281 9.45 -0.79 -9.14
N GLU A 282 9.88 -2.05 -9.11
CA GLU A 282 9.65 -2.95 -10.22
C GLU A 282 8.16 -3.11 -10.53
N ALA A 283 7.31 -3.16 -9.50
CA ALA A 283 5.88 -3.30 -9.69
C ALA A 283 5.33 -2.09 -10.42
N VAL A 284 5.65 -0.86 -10.03
CA VAL A 284 5.17 0.35 -10.70
C VAL A 284 5.63 0.29 -12.17
N PHE A 285 6.92 0.10 -12.37
CA PHE A 285 7.49 -0.04 -13.71
C PHE A 285 6.86 -1.16 -14.51
N ALA A 286 6.45 -2.27 -13.94
CA ALA A 286 5.82 -3.34 -14.70
C ALA A 286 4.47 -2.81 -15.23
N ARG A 287 3.79 -1.94 -14.47
CA ARG A 287 2.57 -1.31 -14.97
C ARG A 287 2.97 -0.39 -16.11
N CYS A 288 4.00 0.43 -15.99
CA CYS A 288 4.45 1.29 -17.11
C CYS A 288 4.73 0.51 -18.38
N LEU A 289 5.35 -0.67 -18.24
CA LEU A 289 5.71 -1.55 -19.33
C LEU A 289 4.44 -2.04 -20.04
N SER A 290 3.45 -2.45 -19.28
CA SER A 290 2.26 -2.98 -19.91
C SER A 290 1.55 -1.89 -20.70
N SER A 291 1.65 -0.62 -20.33
CA SER A 291 1.05 0.45 -21.12
C SER A 291 1.59 0.51 -22.55
N LEU A 292 2.83 0.09 -22.80
CA LEU A 292 3.40 0.11 -24.13
C LEU A 292 2.92 -1.15 -24.88
N LYS A 293 1.60 -1.37 -24.92
CA LYS A 293 0.98 -2.51 -25.56
C LYS A 293 1.34 -2.61 -27.04
N ASP A 294 1.15 -1.54 -27.80
CA ASP A 294 1.38 -1.61 -29.24
C ASP A 294 2.85 -1.83 -29.54
N GLU A 295 3.68 -1.23 -28.69
CA GLU A 295 5.10 -1.41 -28.77
C GLU A 295 5.49 -2.88 -28.50
N ARG A 296 4.87 -3.55 -27.53
CA ARG A 296 5.19 -4.95 -27.26
C ARG A 296 4.71 -5.83 -28.40
N ILE A 297 3.58 -5.49 -29.00
CA ILE A 297 3.07 -6.17 -30.20
C ILE A 297 4.17 -6.08 -31.29
N GLN A 298 4.68 -4.88 -31.52
CA GLN A 298 5.69 -4.71 -32.55
C GLN A 298 6.98 -5.42 -32.14
N ALA A 299 7.37 -5.39 -30.88
CA ALA A 299 8.59 -6.05 -30.41
C ALA A 299 8.46 -7.56 -30.51
N SER A 300 7.26 -8.13 -30.32
CA SER A 300 7.05 -9.57 -30.36
C SER A 300 7.28 -10.19 -31.74
N LYS A 301 7.02 -9.34 -32.74
CA LYS A 301 7.26 -9.70 -34.13
C LYS A 301 8.76 -9.81 -34.40
N LYS A 302 9.65 -9.16 -33.64
CA LYS A 302 11.07 -9.29 -33.93
C LYS A 302 12.11 -9.64 -32.87
N LEU A 303 11.82 -9.57 -31.59
CA LEU A 303 12.82 -9.91 -30.59
C LEU A 303 12.60 -11.37 -30.30
N LYS A 304 13.69 -12.10 -30.39
CA LYS A 304 13.66 -13.53 -30.19
C LYS A 304 13.82 -13.90 -28.72
N GLY A 305 13.18 -14.99 -28.39
CA GLY A 305 13.23 -15.55 -27.04
C GLY A 305 14.27 -16.66 -26.94
N PRO A 306 14.35 -17.35 -25.78
CA PRO A 306 15.23 -18.52 -25.62
C PRO A 306 14.78 -19.66 -26.53
N GLN A 307 15.64 -20.66 -26.60
CA GLN A 307 15.35 -21.88 -27.34
C GLN A 307 14.19 -22.52 -26.57
N ASN A 308 13.24 -23.15 -27.26
CA ASN A 308 12.11 -23.73 -26.57
C ASN A 308 12.47 -25.11 -26.00
N ILE A 309 12.73 -25.23 -24.72
CA ILE A 309 12.94 -26.53 -24.06
C ILE A 309 11.59 -26.80 -23.40
N PRO A 310 10.79 -27.83 -23.71
CA PRO A 310 9.55 -28.18 -22.97
C PRO A 310 9.81 -28.42 -21.47
N PHE A 311 8.90 -28.14 -20.54
CA PHE A 311 9.14 -28.38 -19.11
C PHE A 311 9.00 -29.86 -18.84
N GLU A 312 10.01 -30.40 -18.20
CA GLU A 312 10.06 -31.81 -17.84
C GLU A 312 10.31 -31.72 -16.34
N GLY A 313 9.49 -32.39 -15.56
CA GLY A 313 9.61 -32.34 -14.11
C GLY A 313 8.24 -32.61 -13.54
N ASP A 314 8.08 -32.57 -12.23
CA ASP A 314 6.75 -32.80 -11.68
C ASP A 314 6.08 -31.45 -11.53
N LYS A 315 4.91 -31.34 -12.15
CA LYS A 315 4.11 -30.13 -12.08
C LYS A 315 3.75 -29.83 -10.64
N LYS A 316 3.40 -30.84 -9.87
CA LYS A 316 3.04 -30.65 -8.47
C LYS A 316 4.18 -30.03 -7.69
N SER A 317 5.40 -30.51 -7.89
CA SER A 317 6.56 -29.90 -7.25
C SER A 317 6.79 -28.46 -7.70
N PHE A 318 6.78 -28.20 -9.00
CA PHE A 318 7.06 -26.85 -9.47
C PHE A 318 6.02 -25.86 -8.98
N LEU A 319 4.79 -26.35 -8.88
CA LEU A 319 3.65 -25.59 -8.38
C LEU A 319 3.98 -25.18 -6.96
N GLU A 320 4.53 -26.10 -6.18
CA GLU A 320 4.94 -25.84 -4.81
C GLU A 320 6.11 -24.87 -4.77
N ASP A 321 7.06 -25.01 -5.69
CA ASP A 321 8.16 -24.07 -5.82
C ASP A 321 7.65 -22.66 -6.10
N ILE A 322 6.66 -22.50 -6.99
CA ILE A 322 6.10 -21.19 -7.30
C ILE A 322 5.47 -20.61 -6.03
N ARG A 323 4.81 -21.45 -5.22
CA ARG A 323 4.17 -21.01 -3.99
C ARG A 323 5.19 -20.38 -3.01
N LYS A 324 6.28 -21.11 -2.81
CA LYS A 324 7.33 -20.67 -1.91
C LYS A 324 8.08 -19.47 -2.46
N ALA A 325 8.30 -19.40 -3.76
CA ALA A 325 8.92 -18.24 -4.37
C ALA A 325 8.03 -16.99 -4.17
N LEU A 326 6.71 -17.09 -4.28
CA LEU A 326 5.79 -15.96 -4.08
C LEU A 326 5.89 -15.52 -2.61
N TYR A 327 5.78 -16.51 -1.72
CA TYR A 327 5.84 -16.24 -0.31
C TYR A 327 7.15 -15.53 0.12
N ALA A 328 8.34 -16.04 -0.25
CA ALA A 328 9.60 -15.42 0.11
C ALA A 328 9.70 -14.00 -0.47
N SER A 329 9.26 -13.80 -1.72
CA SER A 329 9.32 -12.47 -2.33
C SER A 329 8.40 -11.49 -1.62
N LYS A 330 7.25 -11.99 -1.14
CA LYS A 330 6.31 -11.16 -0.43
C LYS A 330 6.95 -10.75 0.89
N ILE A 331 7.65 -11.66 1.53
CA ILE A 331 8.30 -11.33 2.80
C ILE A 331 9.28 -10.17 2.51
N ILE A 332 10.07 -10.31 1.41
CA ILE A 332 11.04 -9.30 1.03
C ILE A 332 10.41 -7.91 0.83
N SER A 333 9.29 -7.74 0.10
CA SER A 333 8.83 -6.37 -0.12
C SER A 333 8.22 -5.80 1.13
N TYR A 334 7.72 -6.64 2.04
CA TYR A 334 7.18 -6.16 3.30
C TYR A 334 8.35 -5.68 4.14
N ALA A 335 9.49 -6.38 4.14
CA ALA A 335 10.69 -5.92 4.86
C ALA A 335 11.14 -4.57 4.27
N GLN A 336 11.12 -4.43 2.92
CA GLN A 336 11.44 -3.15 2.24
C GLN A 336 10.44 -2.06 2.60
N GLY A 337 9.16 -2.38 2.70
CA GLY A 337 8.13 -1.41 3.04
C GLY A 337 8.29 -0.89 4.46
N PHE A 338 8.45 -1.76 5.44
CA PHE A 338 8.61 -1.29 6.80
C PHE A 338 9.97 -0.62 6.97
N MET A 339 11.00 -0.88 6.17
CA MET A 339 12.20 -0.08 6.37
C MET A 339 11.93 1.30 5.77
N LEU A 340 11.13 1.47 4.72
CA LEU A 340 10.78 2.81 4.23
C LEU A 340 10.04 3.55 5.36
N LEU A 341 9.08 2.88 5.99
CA LEU A 341 8.35 3.46 7.11
C LEU A 341 9.29 3.94 8.26
N ARG A 342 10.31 3.15 8.58
CA ARG A 342 11.30 3.49 9.60
C ARG A 342 12.10 4.74 9.20
N GLN A 343 12.50 4.83 7.94
CA GLN A 343 13.29 5.95 7.47
C GLN A 343 12.46 7.21 7.49
N ALA A 344 11.22 7.16 6.99
CA ALA A 344 10.33 8.33 6.99
C ALA A 344 10.15 8.81 8.42
N ALA A 345 9.89 7.85 9.33
CA ALA A 345 9.78 8.10 10.76
C ALA A 345 11.01 8.91 11.22
N THR A 346 12.21 8.46 10.89
CA THR A 346 13.46 9.16 11.21
C THR A 346 13.48 10.53 10.51
N GLU A 347 13.00 10.70 9.29
CA GLU A 347 13.07 11.98 8.59
C GLU A 347 12.17 13.06 9.12
N PHE A 348 10.98 12.67 9.53
CA PHE A 348 9.99 13.67 9.90
C PHE A 348 9.73 13.71 11.41
N GLY A 349 10.35 12.81 12.18
CA GLY A 349 10.21 12.80 13.62
C GLY A 349 8.92 12.17 14.11
N TRP A 350 8.51 11.08 13.50
CA TRP A 350 7.27 10.44 13.88
C TRP A 350 7.65 9.31 14.82
N THR A 351 6.84 8.99 15.80
CA THR A 351 7.11 7.81 16.62
C THR A 351 6.04 6.90 16.07
N LEU A 352 6.47 6.00 15.23
CA LEU A 352 5.57 5.06 14.62
C LEU A 352 5.60 3.81 15.50
N ASN A 353 4.45 3.15 15.52
CA ASN A 353 4.29 1.87 16.18
C ASN A 353 4.03 0.89 15.03
N TYR A 354 5.07 0.16 14.65
CA TYR A 354 4.96 -0.69 13.47
C TYR A 354 4.00 -1.83 13.72
N GLY A 355 3.94 -2.45 14.90
CA GLY A 355 2.91 -3.46 15.21
C GLY A 355 1.50 -2.87 15.08
N GLY A 356 1.34 -1.59 15.42
CA GLY A 356 0.07 -0.88 15.29
C GLY A 356 -0.38 -0.78 13.86
N ILE A 357 0.57 -0.43 13.00
CA ILE A 357 0.33 -0.30 11.57
C ILE A 357 0.02 -1.68 10.97
N ALA A 358 0.72 -2.71 11.41
CA ALA A 358 0.49 -4.10 10.99
C ALA A 358 -0.97 -4.51 11.26
N LEU A 359 -1.44 -4.17 12.49
CA LEU A 359 -2.80 -4.40 12.93
C LEU A 359 -3.76 -3.61 12.04
N MET A 360 -3.55 -2.32 11.79
CA MET A 360 -4.39 -1.56 10.87
C MET A 360 -4.46 -2.18 9.48
N TRP A 361 -3.45 -2.89 8.98
CA TRP A 361 -3.55 -3.53 7.66
C TRP A 361 -4.06 -4.97 7.73
N ARG A 362 -4.36 -5.43 8.95
CA ARG A 362 -4.80 -6.80 9.20
C ARG A 362 -6.24 -7.06 8.76
N GLY A 363 -7.07 -6.02 8.72
CA GLY A 363 -8.41 -6.15 8.20
C GLY A 363 -8.78 -4.86 7.54
N GLY A 364 -9.91 -4.80 6.86
CA GLY A 364 -10.40 -3.57 6.25
C GLY A 364 -9.77 -3.32 4.88
N CYS A 365 -8.45 -3.18 4.86
CA CYS A 365 -7.66 -2.87 3.66
C CYS A 365 -7.49 -4.05 2.68
N ILE A 366 -7.12 -3.72 1.45
CA ILE A 366 -7.00 -4.72 0.38
C ILE A 366 -5.91 -5.75 0.66
N ILE A 367 -4.82 -5.33 1.31
CA ILE A 367 -3.71 -6.27 1.54
C ILE A 367 -3.96 -7.17 2.76
N ARG A 368 -5.14 -7.12 3.40
CA ARG A 368 -5.42 -7.91 4.59
C ARG A 368 -5.08 -9.38 4.42
N SER A 369 -4.48 -9.89 5.47
CA SER A 369 -3.92 -11.23 5.47
C SER A 369 -3.53 -11.62 6.88
N VAL A 370 -3.46 -12.93 7.02
CA VAL A 370 -2.93 -13.61 8.22
C VAL A 370 -1.45 -13.19 8.34
N PHE A 371 -0.80 -12.92 7.22
CA PHE A 371 0.60 -12.53 7.15
C PHE A 371 0.87 -11.31 8.04
N LEU A 372 -0.03 -10.33 7.98
CA LEU A 372 0.12 -9.11 8.76
C LEU A 372 0.11 -9.40 10.25
N GLY A 373 -0.54 -10.49 10.66
CA GLY A 373 -0.59 -10.91 12.06
C GLY A 373 0.77 -11.34 12.55
N LYS A 374 1.44 -12.07 11.68
CA LYS A 374 2.79 -12.55 11.96
C LYS A 374 3.72 -11.33 12.01
N ILE A 375 3.49 -10.33 11.15
CA ILE A 375 4.30 -9.13 11.22
C ILE A 375 4.03 -8.43 12.56
N LYS A 376 2.76 -8.32 12.96
CA LYS A 376 2.40 -7.68 14.23
C LYS A 376 3.07 -8.34 15.43
N ASP A 377 3.10 -9.66 15.56
CA ASP A 377 3.78 -10.13 16.76
C ASP A 377 5.29 -10.17 16.63
N ALA A 378 5.89 -9.95 15.45
CA ALA A 378 7.34 -9.76 15.30
C ALA A 378 7.69 -8.44 15.97
N PHE A 379 6.95 -7.38 15.67
CA PHE A 379 7.18 -6.09 16.28
C PHE A 379 6.68 -6.04 17.71
N ASP A 380 5.75 -6.91 18.11
CA ASP A 380 5.34 -6.97 19.51
C ASP A 380 6.48 -7.49 20.34
N ARG A 381 7.03 -8.65 19.94
CA ARG A 381 8.14 -9.29 20.62
C ARG A 381 9.37 -8.40 20.63
N ASN A 382 9.49 -7.55 19.63
CA ASN A 382 10.60 -6.63 19.56
C ASN A 382 10.17 -5.40 18.78
N PRO A 383 9.70 -4.33 19.46
CA PRO A 383 9.29 -3.09 18.79
C PRO A 383 10.41 -2.29 18.13
N GLY A 384 11.68 -2.62 18.41
CA GLY A 384 12.79 -1.85 17.89
C GLY A 384 13.56 -2.62 16.82
N LEU A 385 12.90 -3.65 16.28
CA LEU A 385 13.46 -4.54 15.25
C LEU A 385 13.85 -3.66 14.06
N GLN A 386 15.11 -3.70 13.58
CA GLN A 386 15.52 -2.80 12.49
C GLN A 386 14.95 -3.26 11.16
N ASN A 387 14.82 -4.58 11.03
CA ASN A 387 14.37 -5.18 9.78
C ASN A 387 13.73 -6.52 10.06
N LEU A 388 12.60 -6.71 9.39
CA LEU A 388 11.74 -7.86 9.52
C LEU A 388 12.47 -9.18 9.22
N LEU A 389 13.45 -9.14 8.32
CA LEU A 389 14.20 -10.33 7.95
C LEU A 389 15.01 -10.88 9.11
N LEU A 390 15.33 -10.07 10.12
CA LEU A 390 16.05 -10.52 11.30
C LEU A 390 15.14 -11.16 12.33
N ASP A 391 13.82 -11.14 12.17
CA ASP A 391 12.96 -11.78 13.13
C ASP A 391 12.95 -13.24 12.73
N ASP A 392 13.11 -14.10 13.72
CA ASP A 392 13.23 -15.54 13.55
C ASP A 392 12.15 -16.21 12.76
N PHE A 393 10.93 -15.71 12.76
CA PHE A 393 9.88 -16.33 11.96
C PHE A 393 10.22 -16.15 10.47
N PHE A 394 10.46 -14.91 10.06
CA PHE A 394 10.74 -14.56 8.67
C PHE A 394 12.09 -15.13 8.24
N LYS A 395 13.10 -14.99 9.07
CA LYS A 395 14.40 -15.56 8.80
C LYS A 395 14.19 -17.05 8.55
N SER A 396 13.32 -17.72 9.33
CA SER A 396 13.08 -19.14 9.11
C SER A 396 12.24 -19.43 7.87
N ALA A 397 11.22 -18.61 7.63
CA ALA A 397 10.34 -18.79 6.50
C ALA A 397 11.18 -18.61 5.24
N VAL A 398 11.96 -17.53 5.09
CA VAL A 398 12.77 -17.34 3.90
C VAL A 398 13.76 -18.49 3.76
N GLU A 399 14.47 -18.90 4.82
CA GLU A 399 15.49 -19.96 4.71
C GLU A 399 14.92 -21.25 4.14
N ASN A 400 13.71 -21.48 4.60
CA ASN A 400 12.89 -22.63 4.27
C ASN A 400 12.42 -22.60 2.81
N CYS A 401 12.25 -21.41 2.24
CA CYS A 401 11.79 -21.25 0.86
C CYS A 401 12.86 -21.13 -0.21
N GLN A 402 14.11 -20.82 0.17
CA GLN A 402 15.07 -20.39 -0.84
C GLN A 402 15.49 -21.33 -1.95
N ASP A 403 15.41 -22.63 -1.66
CA ASP A 403 15.67 -23.68 -2.66
C ASP A 403 14.70 -23.59 -3.86
N SER A 404 13.43 -23.51 -3.51
CA SER A 404 12.30 -23.45 -4.43
C SER A 404 12.34 -22.15 -5.21
N TRP A 405 12.57 -21.10 -4.42
CA TRP A 405 12.70 -19.74 -4.92
C TRP A 405 13.78 -19.66 -6.01
N ARG A 406 14.96 -20.22 -5.79
CA ARG A 406 16.02 -20.15 -6.80
C ARG A 406 15.72 -21.05 -7.98
N ARG A 407 15.02 -22.15 -7.71
CA ARG A 407 14.59 -23.05 -8.77
C ARG A 407 13.54 -22.40 -9.68
N ALA A 408 12.60 -21.73 -9.07
CA ALA A 408 11.51 -21.08 -9.76
C ALA A 408 12.08 -20.01 -10.67
N ILE A 409 13.00 -19.20 -10.14
CA ILE A 409 13.59 -18.13 -10.93
C ILE A 409 14.47 -18.68 -12.04
N SER A 410 15.29 -19.71 -11.83
CA SER A 410 16.13 -20.28 -12.88
C SER A 410 15.29 -20.85 -14.02
N THR A 411 14.20 -21.51 -13.66
CA THR A 411 13.32 -22.02 -14.68
C THR A 411 12.71 -20.86 -15.49
N GLY A 412 12.18 -19.86 -14.82
CA GLY A 412 11.59 -18.71 -15.49
C GLY A 412 12.56 -18.07 -16.47
N VAL A 413 13.76 -17.84 -15.97
CA VAL A 413 14.85 -17.25 -16.74
C VAL A 413 15.16 -18.09 -17.99
N GLN A 414 15.20 -19.41 -17.89
CA GLN A 414 15.47 -20.24 -19.04
C GLN A 414 14.29 -20.30 -20.02
N ALA A 415 13.09 -20.25 -19.46
CA ALA A 415 11.88 -20.32 -20.24
C ALA A 415 11.53 -18.97 -20.85
N GLY A 416 12.12 -17.86 -20.40
CA GLY A 416 11.77 -16.52 -20.91
C GLY A 416 10.55 -15.86 -20.28
N ILE A 417 10.14 -16.23 -19.06
CA ILE A 417 8.98 -15.60 -18.40
C ILE A 417 9.57 -14.41 -17.64
N PRO A 418 9.07 -13.20 -17.91
CA PRO A 418 9.42 -11.98 -17.21
C PRO A 418 9.10 -12.08 -15.74
N MET A 419 10.09 -11.90 -14.85
CA MET A 419 9.85 -11.93 -13.41
C MET A 419 10.51 -10.76 -12.67
N PRO A 420 10.14 -9.49 -12.97
CA PRO A 420 10.71 -8.27 -12.34
C PRO A 420 10.81 -8.38 -10.81
N CYS A 421 9.65 -8.64 -10.19
CA CYS A 421 9.53 -8.70 -8.75
C CYS A 421 10.13 -9.94 -8.11
N PHE A 422 10.07 -11.11 -8.74
CA PHE A 422 10.71 -12.31 -8.17
C PHE A 422 12.21 -12.09 -8.20
N THR A 423 12.73 -11.49 -9.25
CA THR A 423 14.17 -11.32 -9.35
C THR A 423 14.68 -10.20 -8.45
N THR A 424 14.00 -9.05 -8.31
CA THR A 424 14.50 -8.04 -7.38
C THR A 424 14.48 -8.58 -5.98
N ALA A 425 13.43 -9.27 -5.54
CA ALA A 425 13.39 -9.76 -4.16
C ALA A 425 14.62 -10.65 -3.87
N LEU A 426 14.94 -11.57 -4.78
CA LEU A 426 16.10 -12.43 -4.60
C LEU A 426 17.38 -11.61 -4.65
N SER A 427 17.53 -10.67 -5.58
CA SER A 427 18.72 -9.83 -5.69
C SER A 427 18.98 -9.08 -4.40
N PHE A 428 17.91 -8.48 -3.90
CA PHE A 428 17.93 -7.71 -2.66
C PHE A 428 18.29 -8.64 -1.51
N TYR A 429 17.66 -9.81 -1.44
CA TYR A 429 17.93 -10.76 -0.40
C TYR A 429 19.42 -11.10 -0.42
N ASP A 430 19.95 -11.47 -1.57
CA ASP A 430 21.36 -11.80 -1.64
C ASP A 430 22.22 -10.58 -1.42
N GLY A 431 21.69 -9.40 -1.70
CA GLY A 431 22.42 -8.17 -1.53
C GLY A 431 22.60 -7.86 -0.06
N TYR A 432 21.50 -7.99 0.67
CA TYR A 432 21.42 -7.65 2.08
C TYR A 432 22.17 -8.65 2.95
N ARG A 433 22.08 -9.94 2.67
CA ARG A 433 22.84 -10.97 3.39
C ARG A 433 24.37 -10.74 3.27
N HIS A 434 24.89 -10.01 2.27
CA HIS A 434 26.32 -9.99 2.09
C HIS A 434 26.94 -8.86 2.90
N ALA A 435 27.90 -9.24 3.73
CA ALA A 435 28.66 -8.32 4.56
C ALA A 435 29.51 -7.42 3.67
N MET A 436 30.08 -8.00 2.60
CA MET A 436 30.95 -7.27 1.67
C MET A 436 30.34 -7.38 0.28
N LEU A 437 30.10 -6.22 -0.33
CA LEU A 437 29.49 -6.10 -1.64
C LEU A 437 30.45 -5.40 -2.61
N PRO A 438 30.32 -5.52 -3.94
CA PRO A 438 31.24 -4.89 -4.92
C PRO A 438 31.12 -3.37 -5.03
N ALA A 439 30.39 -2.77 -4.12
CA ALA A 439 30.17 -1.33 -4.03
C ALA A 439 31.49 -0.60 -3.86
N ASN A 440 32.46 -1.25 -3.22
CA ASN A 440 33.80 -0.68 -3.09
C ASN A 440 34.39 -0.39 -4.48
N LEU A 441 34.06 -1.16 -5.52
CA LEU A 441 34.56 -0.87 -6.86
C LEU A 441 33.93 0.42 -7.38
N ILE A 442 32.66 0.73 -7.10
CA ILE A 442 32.02 1.98 -7.51
C ILE A 442 32.81 3.15 -6.97
N GLN A 443 33.16 2.99 -5.69
CA GLN A 443 33.93 3.99 -4.96
C GLN A 443 35.26 4.28 -5.60
N ALA A 444 35.92 3.21 -6.04
CA ALA A 444 37.22 3.30 -6.70
C ALA A 444 37.01 4.08 -7.99
N GLN A 445 35.99 3.74 -8.78
CA GLN A 445 35.72 4.42 -10.05
C GLN A 445 35.39 5.91 -9.82
N ARG A 446 34.55 6.19 -8.83
CA ARG A 446 34.14 7.53 -8.48
C ARG A 446 35.33 8.39 -8.07
N ASP A 447 36.29 7.76 -7.39
CA ASP A 447 37.46 8.47 -6.92
C ASP A 447 38.40 8.68 -8.08
N TYR A 448 38.50 7.67 -8.94
CA TYR A 448 39.36 7.70 -10.12
C TYR A 448 38.89 8.80 -11.07
N PHE A 449 37.73 8.70 -11.70
CA PHE A 449 37.35 9.69 -12.69
C PHE A 449 36.85 11.01 -12.08
N GLY A 450 36.35 11.02 -10.85
CA GLY A 450 35.81 12.26 -10.33
C GLY A 450 36.45 12.74 -9.05
N ALA A 451 37.55 12.14 -8.59
CA ALA A 451 38.24 12.54 -7.38
C ALA A 451 37.41 12.48 -6.11
N HIS A 452 36.25 11.84 -6.11
CA HIS A 452 35.31 11.89 -4.99
C HIS A 452 35.64 11.39 -3.58
N THR A 453 36.82 10.83 -3.38
CA THR A 453 37.34 10.19 -2.17
C THR A 453 36.60 8.94 -1.69
N TYR A 454 37.26 8.14 -0.87
CA TYR A 454 36.69 6.87 -0.44
C TYR A 454 37.20 6.62 0.96
N GLU A 455 36.68 5.65 1.67
CA GLU A 455 37.21 5.37 2.99
C GLU A 455 37.58 3.90 3.03
N LEU A 456 38.48 3.59 3.94
CA LEU A 456 38.93 2.22 4.12
C LEU A 456 38.02 1.43 5.04
N LEU A 457 38.07 0.13 4.81
CA LEU A 457 37.26 -0.86 5.50
C LEU A 457 37.51 -0.82 7.00
N ALA A 458 38.79 -0.73 7.36
CA ALA A 458 39.23 -0.52 8.75
C ALA A 458 39.44 0.98 8.71
N LYS A 459 39.30 1.73 9.79
CA LYS A 459 39.39 3.20 9.80
C LYS A 459 38.28 3.86 8.95
N PRO A 460 36.99 3.51 9.12
CA PRO A 460 35.87 4.30 8.58
C PRO A 460 35.96 5.72 9.18
N GLY A 461 35.64 6.73 8.37
CA GLY A 461 35.69 8.10 8.83
C GLY A 461 36.63 8.90 7.98
N GLN A 462 37.87 8.49 7.78
CA GLN A 462 38.82 9.26 6.97
C GLN A 462 38.57 9.14 5.48
N PHE A 463 38.50 10.20 4.71
CA PHE A 463 38.30 10.03 3.29
C PHE A 463 39.61 10.29 2.58
N ILE A 464 40.00 9.32 1.79
CA ILE A 464 41.23 9.25 1.01
C ILE A 464 40.93 9.49 -0.47
N HIS A 465 41.80 10.18 -1.18
CA HIS A 465 41.74 10.21 -2.63
C HIS A 465 43.06 9.61 -3.06
N THR A 466 43.09 8.52 -3.80
CA THR A 466 44.29 7.98 -4.43
C THR A 466 44.49 8.69 -5.77
N ASN A 467 45.72 8.85 -6.21
CA ASN A 467 46.03 9.30 -7.55
C ASN A 467 46.26 7.98 -8.29
N TRP A 468 45.24 7.57 -9.02
CA TRP A 468 45.30 6.31 -9.77
C TRP A 468 46.01 6.54 -11.11
N THR A 469 45.63 7.66 -11.76
CA THR A 469 46.03 8.15 -13.06
C THR A 469 47.40 7.68 -13.53
N GLY A 470 48.34 7.89 -12.64
CA GLY A 470 49.65 7.40 -12.94
C GLY A 470 50.31 7.07 -11.64
N HIS A 471 50.84 5.87 -11.48
CA HIS A 471 51.59 5.56 -10.27
C HIS A 471 52.90 4.94 -10.72
N GLY A 472 53.67 5.88 -11.24
CA GLY A 472 54.97 5.61 -11.86
C GLY A 472 54.88 5.87 -13.36
N GLY A 473 54.85 7.18 -13.68
CA GLY A 473 54.77 7.65 -15.04
C GLY A 473 55.65 8.87 -15.19
S SO4 B . -4.51 2.43 -8.32
O1 SO4 B . -3.63 3.54 -8.15
O2 SO4 B . -5.81 2.81 -8.76
O3 SO4 B . -3.98 1.58 -9.29
O4 SO4 B . -4.64 1.81 -7.03
S SO4 C . -8.61 -22.12 -20.01
O1 SO4 C . -9.08 -22.61 -21.24
O2 SO4 C . -9.14 -22.87 -18.92
O3 SO4 C . -7.20 -22.10 -19.97
O4 SO4 C . -9.09 -20.78 -19.88
PA NDP D . -13.91 11.26 -6.63
O1A NDP D . -12.44 11.41 -6.64
O2A NDP D . -14.59 10.62 -7.77
O5B NDP D . -14.54 12.74 -6.50
C5B NDP D . -15.95 12.92 -6.53
C4B NDP D . -16.37 13.37 -5.13
O4B NDP D . -15.55 14.48 -4.71
C3B NDP D . -17.78 13.88 -5.15
O3B NDP D . -18.33 13.98 -3.82
C2B NDP D . -17.55 15.28 -5.68
O2B NDP D . -18.66 16.13 -5.40
C1B NDP D . -16.29 15.71 -4.96
N9A NDP D . -15.54 16.70 -5.76
C8A NDP D . -15.02 16.52 -6.99
N7A NDP D . -14.41 17.62 -7.45
C5A NDP D . -14.59 18.49 -6.46
C6A NDP D . -14.23 19.81 -6.54
N6A NDP D . -13.58 20.28 -7.59
N1A NDP D . -14.59 20.61 -5.49
C2A NDP D . -15.25 20.10 -4.45
N3A NDP D . -15.61 18.81 -4.40
C4A NDP D . -15.30 17.96 -5.39
O3 NDP D . -14.32 10.54 -5.23
PN NDP D . -14.14 9.10 -4.52
O1N NDP D . -14.13 8.05 -5.58
O2N NDP D . -15.15 8.99 -3.45
O5D NDP D . -12.70 9.19 -3.75
C5D NDP D . -12.18 8.23 -2.80
C4D NDP D . -11.18 7.19 -3.35
O4D NDP D . -10.31 6.54 -2.40
C3D NDP D . -11.86 6.05 -4.16
O3D NDP D . -11.63 6.18 -5.56
C2D NDP D . -11.18 4.77 -3.66
O2D NDP D . -10.87 3.87 -4.72
C1D NDP D . -9.90 5.29 -3.01
N1N NDP D . -9.35 4.24 -2.10
C2N NDP D . -8.13 3.58 -2.34
C3N NDP D . -7.85 2.37 -1.71
C7N NDP D . -6.49 1.68 -1.81
O7N NDP D . -6.10 0.91 -0.93
N7N NDP D . -5.77 1.96 -2.90
C4N NDP D . -8.80 1.79 -0.85
C5N NDP D . -10.02 2.43 -0.59
C6N NDP D . -10.26 3.65 -1.20
P2B NDP D . -19.63 16.44 -6.65
O1X NDP D . -18.69 16.85 -7.71
O2X NDP D . -20.48 17.51 -6.09
O3X NDP D . -20.30 15.14 -6.89
#